data_6TY0
#
_entry.id   6TY0
#
_cell.length_a   195.612
_cell.length_b   195.612
_cell.length_c   195.612
_cell.angle_alpha   90.00
_cell.angle_beta   90.00
_cell.angle_gamma   90.00
#
_symmetry.space_group_name_H-M   'F 41 3 2'
#
loop_
_entity.id
_entity.type
_entity.pdbx_description
1 polymer p1
2 non-polymer 'ZINC ION'
3 water water
#
_entity_poly.entity_id   1
_entity_poly.type   'polypeptide(L)'
_entity_poly.pdbx_seq_one_letter_code
;MTRLEVLIRPTEQTAAKANAVGYTHALTWVWHSQTWDVDSVRDPSLRADFNPEKVGWVSVSFACTQCTAHYYTSEQVKYF
TNIPPVHFDVVCADCERSVQ
;
_entity_poly.pdbx_strand_id   A,B
#
loop_
_chem_comp.id
_chem_comp.type
_chem_comp.name
_chem_comp.formula
ZN non-polymer 'ZINC ION' 'Zn 2'
#
# COMPACT_ATOMS: atom_id res chain seq x y z
N MET A 1 5.95 -6.83 -2.26
CA MET A 1 4.91 -6.13 -3.08
C MET A 1 3.96 -7.16 -3.64
N THR A 2 2.78 -7.33 -3.02
CA THR A 2 1.82 -8.33 -3.47
C THR A 2 0.49 -7.60 -3.73
N ARG A 3 -0.13 -7.87 -4.87
CA ARG A 3 -1.43 -7.28 -5.21
C ARG A 3 -2.53 -8.08 -4.52
N LEU A 4 -3.43 -7.41 -3.81
CA LEU A 4 -4.67 -8.06 -3.34
C LEU A 4 -5.85 -7.48 -4.13
N GLU A 5 -6.50 -8.32 -4.93
CA GLU A 5 -7.65 -7.97 -5.71
C GLU A 5 -8.93 -8.07 -4.89
N VAL A 6 -9.82 -7.10 -5.07
CA VAL A 6 -11.10 -7.05 -4.41
C VAL A 6 -12.21 -6.94 -5.45
N LEU A 7 -13.11 -7.92 -5.47
CA LEU A 7 -14.24 -7.95 -6.42
C LEU A 7 -15.45 -7.42 -5.69
N ILE A 8 -16.09 -6.42 -6.25
CA ILE A 8 -17.29 -5.87 -5.63
C ILE A 8 -18.50 -6.04 -6.57
N ARG A 9 -19.54 -6.67 -6.07
CA ARG A 9 -20.81 -6.81 -6.83
C ARG A 9 -22.00 -6.23 -6.04
N PRO A 10 -23.12 -5.90 -6.72
CA PRO A 10 -24.20 -5.15 -6.10
C PRO A 10 -24.95 -5.99 -5.06
N THR A 11 -25.48 -5.36 -4.04
CA THR A 11 -26.41 -6.06 -3.11
C THR A 11 -27.70 -6.37 -3.87
N GLU A 12 -28.54 -7.27 -3.33
CA GLU A 12 -29.87 -7.54 -3.96
C GLU A 12 -30.74 -6.30 -4.12
N GLN A 13 -30.65 -5.37 -3.18
CA GLN A 13 -31.49 -4.19 -3.20
C GLN A 13 -31.04 -3.19 -4.22
N THR A 14 -29.85 -3.37 -4.80
CA THR A 14 -29.41 -2.40 -5.80
C THR A 14 -29.10 -3.05 -7.11
N ALA A 15 -29.28 -4.37 -7.23
CA ALA A 15 -28.79 -5.09 -8.40
C ALA A 15 -29.56 -4.75 -9.68
N ALA A 16 -30.85 -4.41 -9.54
CA ALA A 16 -31.70 -4.16 -10.70
C ALA A 16 -31.26 -2.88 -11.37
N LYS A 17 -31.03 -1.84 -10.57
CA LYS A 17 -30.54 -0.59 -11.09
C LYS A 17 -29.17 -0.78 -11.76
N ALA A 18 -28.33 -1.64 -11.20
CA ALA A 18 -26.99 -1.86 -11.76
C ALA A 18 -27.11 -2.56 -13.10
N ASN A 19 -27.92 -3.61 -13.17
CA ASN A 19 -28.19 -4.21 -14.46
C ASN A 19 -28.80 -3.25 -15.48
N ALA A 20 -29.70 -2.38 -15.04
CA ALA A 20 -30.32 -1.37 -15.93
C ALA A 20 -29.27 -0.62 -16.71
N VAL A 21 -28.23 -0.14 -16.04
CA VAL A 21 -27.19 0.60 -16.74
C VAL A 21 -26.09 -0.27 -17.28
N GLY A 22 -26.17 -1.59 -17.04
CA GLY A 22 -25.12 -2.55 -17.44
C GLY A 22 -23.79 -2.54 -16.68
N TYR A 23 -23.78 -2.08 -15.41
CA TYR A 23 -22.51 -2.01 -14.59
C TYR A 23 -22.61 -2.96 -13.43
N THR A 24 -22.15 -4.18 -13.66
CA THR A 24 -22.47 -5.32 -12.82
C THR A 24 -21.41 -5.62 -11.72
N HIS A 25 -20.23 -4.99 -11.80
CA HIS A 25 -19.20 -5.27 -10.82
C HIS A 25 -18.07 -4.30 -10.92
N ALA A 26 -17.31 -4.17 -9.83
CA ALA A 26 -16.04 -3.43 -9.85
C ALA A 26 -14.92 -4.36 -9.39
N LEU A 27 -13.80 -4.32 -10.07
CA LEU A 27 -12.63 -5.11 -9.67
C LEU A 27 -11.61 -4.07 -9.27
N THR A 28 -11.18 -4.07 -8.00
CA THR A 28 -10.21 -3.07 -7.59
C THR A 28 -9.03 -3.78 -6.96
N TRP A 29 -7.99 -3.05 -6.62
CA TRP A 29 -6.93 -3.73 -5.90
C TRP A 29 -6.15 -2.82 -4.96
N VAL A 30 -5.53 -3.48 -3.99
CA VAL A 30 -4.58 -2.79 -3.09
C VAL A 30 -3.35 -3.64 -3.07
N TRP A 31 -2.32 -3.10 -2.40
CA TRP A 31 -1.03 -3.76 -2.25
C TRP A 31 -0.63 -3.94 -0.79
N HIS A 32 0.13 -4.98 -0.55
CA HIS A 32 0.71 -5.18 0.76
C HIS A 32 2.09 -5.81 0.66
N SER A 33 2.82 -5.75 1.75
CA SER A 33 4.18 -6.20 1.86
C SER A 33 4.24 -7.66 2.20
N GLN A 34 5.49 -8.12 2.34
CA GLN A 34 5.79 -9.51 2.63
C GLN A 34 5.24 -9.96 3.97
N THR A 35 5.14 -9.04 4.92
CA THR A 35 4.56 -9.32 6.22
C THR A 35 3.24 -10.10 6.11
N TRP A 36 2.46 -9.83 5.07
CA TRP A 36 1.09 -10.34 4.96
C TRP A 36 0.91 -11.39 3.87
N ASP A 37 2.03 -11.89 3.35
CA ASP A 37 2.04 -13.08 2.47
C ASP A 37 1.88 -14.37 3.27
N VAL A 38 0.65 -14.64 3.69
CA VAL A 38 0.32 -15.81 4.48
C VAL A 38 -0.97 -16.38 3.91
N ASP A 39 -1.24 -17.67 4.15
CA ASP A 39 -2.35 -18.40 3.49
C ASP A 39 -3.72 -17.78 3.71
N SER A 40 -3.95 -17.25 4.92
CA SER A 40 -5.27 -16.74 5.30
C SER A 40 -5.61 -15.36 4.69
N VAL A 41 -4.67 -14.73 4.00
CA VAL A 41 -4.95 -13.49 3.28
C VAL A 41 -5.28 -13.83 1.84
N ARG A 42 -6.54 -13.71 1.46
CA ARG A 42 -6.96 -14.09 0.11
C ARG A 42 -7.83 -13.00 -0.46
N ASP A 43 -7.80 -12.91 -1.78
CA ASP A 43 -8.59 -11.91 -2.52
C ASP A 43 -10.06 -12.00 -2.11
N PRO A 44 -10.62 -10.93 -1.51
CA PRO A 44 -12.01 -10.98 -1.12
C PRO A 44 -13.00 -10.65 -2.22
N SER A 45 -14.21 -11.11 -2.00
CA SER A 45 -15.35 -10.89 -2.86
C SER A 45 -16.49 -10.33 -2.00
N LEU A 46 -16.96 -9.13 -2.34
CA LEU A 46 -17.84 -8.35 -1.47
C LEU A 46 -19.10 -7.91 -2.19
N ARG A 47 -20.13 -7.59 -1.41
CA ARG A 47 -21.39 -7.07 -1.91
C ARG A 47 -21.53 -5.70 -1.34
N ALA A 48 -21.81 -4.74 -2.20
CA ALA A 48 -22.06 -3.38 -1.77
C ALA A 48 -23.18 -2.78 -2.58
N ASP A 49 -23.57 -1.56 -2.21
CA ASP A 49 -24.72 -0.89 -2.82
C ASP A 49 -24.34 -0.11 -4.06
N PHE A 50 -24.81 -0.56 -5.21
CA PHE A 50 -24.60 0.18 -6.44
C PHE A 50 -25.29 1.53 -6.31
N ASN A 51 -24.63 2.58 -6.72
CA ASN A 51 -25.24 3.87 -6.74
C ASN A 51 -24.61 4.69 -7.85
N PRO A 52 -25.44 5.24 -8.77
CA PRO A 52 -24.87 5.81 -10.00
C PRO A 52 -24.17 7.11 -9.86
N GLU A 53 -24.32 7.78 -8.72
CA GLU A 53 -23.72 9.10 -8.48
C GLU A 53 -22.68 9.17 -7.38
N LYS A 54 -22.34 8.05 -6.75
CA LYS A 54 -21.35 8.05 -5.64
C LYS A 54 -20.02 7.37 -6.00
N VAL A 55 -19.03 7.69 -5.19
CA VAL A 55 -17.77 7.04 -5.18
C VAL A 55 -17.61 6.57 -3.74
N GLY A 56 -17.31 5.30 -3.54
CA GLY A 56 -17.09 4.76 -2.17
C GLY A 56 -15.64 4.40 -1.93
N TRP A 57 -15.29 4.30 -0.65
CA TRP A 57 -14.00 3.77 -0.24
C TRP A 57 -14.14 2.31 0.16
N VAL A 58 -13.19 1.51 -0.30
CA VAL A 58 -13.00 0.19 0.24
C VAL A 58 -11.76 0.32 1.14
N SER A 59 -11.86 -0.18 2.35
CA SER A 59 -10.70 -0.15 3.25
C SER A 59 -10.27 -1.56 3.57
N VAL A 60 -8.96 -1.75 3.65
CA VAL A 60 -8.46 -3.07 3.93
C VAL A 60 -7.44 -2.91 5.04
N SER A 61 -7.70 -3.58 6.15
CA SER A 61 -6.88 -3.57 7.32
C SER A 61 -6.24 -4.91 7.53
N PHE A 62 -4.99 -4.90 7.93
CA PHE A 62 -4.27 -6.12 8.33
C PHE A 62 -3.79 -5.93 9.76
N ALA A 63 -3.97 -6.93 10.59
CA ALA A 63 -3.38 -6.89 11.95
C ALA A 63 -2.98 -8.30 12.38
N CYS A 64 -1.79 -8.45 12.96
CA CYS A 64 -1.35 -9.78 13.51
C CYS A 64 -2.02 -10.06 14.84
N THR A 65 -2.53 -11.25 15.02
CA THR A 65 -3.08 -11.67 16.32
C THR A 65 -2.02 -11.99 17.40
N GLN A 66 -0.74 -12.03 17.03
CA GLN A 66 0.36 -12.39 17.96
C GLN A 66 1.25 -11.24 18.29
N CYS A 67 1.53 -10.37 17.34
CA CYS A 67 2.35 -9.23 17.65
C CYS A 67 1.45 -8.08 17.31
N THR A 68 1.99 -6.88 17.25
CA THR A 68 1.08 -5.79 16.95
C THR A 68 1.34 -5.25 15.55
N ALA A 69 1.96 -6.05 14.71
CA ALA A 69 2.12 -5.66 13.31
C ALA A 69 0.73 -5.32 12.73
N HIS A 70 0.64 -4.24 11.97
CA HIS A 70 -0.61 -3.85 11.38
C HIS A 70 -0.38 -2.99 10.15
N TYR A 71 -1.40 -2.88 9.30
CA TYR A 71 -1.30 -2.12 8.05
C TYR A 71 -2.73 -1.79 7.60
N TYR A 72 -2.92 -0.59 7.09
CA TYR A 72 -4.20 -0.08 6.64
C TYR A 72 -3.98 0.56 5.26
N THR A 73 -4.79 0.14 4.29
CA THR A 73 -4.88 0.84 3.01
C THR A 73 -6.32 0.98 2.61
N SER A 74 -6.50 1.81 1.61
CA SER A 74 -7.81 2.02 1.07
C SER A 74 -7.69 2.48 -0.41
N GLU A 75 -8.80 2.31 -1.13
CA GLU A 75 -8.93 2.69 -2.52
C GLU A 75 -10.37 3.16 -2.82
N GLN A 76 -10.49 4.14 -3.70
CA GLN A 76 -11.81 4.63 -4.20
C GLN A 76 -12.38 3.73 -5.26
N VAL A 77 -13.70 3.53 -5.23
CA VAL A 77 -14.43 2.63 -6.12
C VAL A 77 -15.67 3.36 -6.60
N LYS A 78 -15.70 3.65 -7.89
CA LYS A 78 -16.79 4.37 -8.50
C LYS A 78 -18.05 3.57 -8.48
N TYR A 79 -19.15 4.24 -8.14
CA TYR A 79 -20.52 3.70 -8.19
C TYR A 79 -20.89 2.63 -7.22
N PHE A 80 -20.07 2.42 -6.20
CA PHE A 80 -20.43 1.49 -5.15
C PHE A 80 -20.20 2.22 -3.83
N THR A 81 -21.09 1.94 -2.90
CA THR A 81 -21.08 2.66 -1.66
C THR A 81 -21.41 1.70 -0.49
N ASN A 82 -21.18 2.11 0.75
CA ASN A 82 -21.34 1.19 1.91
C ASN A 82 -20.59 -0.11 1.72
N ILE A 83 -19.35 0.01 1.27
CA ILE A 83 -18.59 -1.17 0.96
C ILE A 83 -18.13 -1.80 2.31
N PRO A 84 -18.42 -3.08 2.55
CA PRO A 84 -18.00 -3.61 3.84
C PRO A 84 -16.45 -3.47 4.05
N PRO A 85 -16.03 -3.02 5.25
CA PRO A 85 -14.61 -3.01 5.63
C PRO A 85 -14.03 -4.40 5.54
N VAL A 86 -12.82 -4.56 5.03
CA VAL A 86 -12.17 -5.88 4.95
C VAL A 86 -11.12 -5.92 6.04
N HIS A 87 -11.12 -6.99 6.81
CA HIS A 87 -10.23 -7.16 7.97
C HIS A 87 -9.52 -8.46 7.85
N PHE A 88 -8.20 -8.41 7.83
CA PHE A 88 -7.39 -9.62 7.91
C PHE A 88 -6.74 -9.61 9.27
N ASP A 89 -7.38 -10.32 10.20
CA ASP A 89 -6.83 -10.57 11.54
C ASP A 89 -6.17 -11.94 11.48
N VAL A 90 -4.84 -11.95 11.30
CA VAL A 90 -4.16 -13.17 10.95
C VAL A 90 -2.86 -13.26 11.72
N VAL A 91 -2.16 -14.37 11.57
CA VAL A 91 -0.82 -14.53 12.13
C VAL A 91 0.12 -14.10 11.01
N CYS A 92 0.95 -13.11 11.31
CA CYS A 92 1.80 -12.50 10.26
C CYS A 92 2.97 -13.44 9.91
N ALA A 93 3.71 -13.12 8.85
CA ALA A 93 4.81 -13.97 8.38
C ALA A 93 5.93 -14.16 9.42
N ASP A 94 6.15 -13.21 10.30
CA ASP A 94 7.20 -13.40 11.28
C ASP A 94 6.74 -14.31 12.40
N CYS A 95 5.46 -14.24 12.71
CA CYS A 95 4.91 -14.95 13.83
C CYS A 95 4.56 -16.41 13.49
N GLU A 96 4.31 -16.74 12.23
CA GLU A 96 4.20 -18.12 11.76
C GLU A 96 5.36 -19.06 12.18
N ARG A 97 6.56 -18.49 12.23
CA ARG A 97 7.82 -19.21 12.35
C ARG A 97 8.33 -19.43 13.80
N MET B 1 -4.67 3.97 -7.24
CA MET B 1 -3.67 4.68 -6.39
C MET B 1 -2.46 5.03 -7.21
N THR B 2 -1.58 5.82 -6.64
CA THR B 2 -0.46 6.40 -7.33
C THR B 2 0.79 5.74 -6.78
N ARG B 3 1.85 5.67 -7.59
CA ARG B 3 3.08 5.05 -7.14
C ARG B 3 4.10 6.12 -6.97
N LEU B 4 4.97 5.90 -5.99
CA LEU B 4 6.10 6.74 -5.76
C LEU B 4 7.31 5.85 -6.04
N GLU B 5 8.30 6.39 -6.74
CA GLU B 5 9.49 5.62 -7.02
C GLU B 5 10.53 5.97 -5.98
N VAL B 6 11.12 4.94 -5.38
CA VAL B 6 12.21 5.16 -4.42
C VAL B 6 13.49 4.60 -4.96
N LEU B 7 14.50 5.44 -5.07
CA LEU B 7 15.83 5.03 -5.52
C LEU B 7 16.73 4.89 -4.28
N ILE B 8 17.36 3.74 -4.20
CA ILE B 8 18.36 3.51 -3.18
C ILE B 8 19.68 3.14 -3.85
N ARG B 9 20.76 3.79 -3.37
CA ARG B 9 22.13 3.54 -3.88
C ARG B 9 23.07 3.33 -2.67
N PRO B 10 24.26 2.73 -2.83
CA PRO B 10 25.22 2.52 -1.73
C PRO B 10 25.78 3.78 -1.09
N THR B 11 25.85 3.77 0.22
CA THR B 11 26.71 4.66 0.95
C THR B 11 28.15 4.48 0.45
N GLU B 12 28.98 5.51 0.62
CA GLU B 12 30.41 5.40 0.24
C GLU B 12 31.14 4.22 0.86
N GLN B 13 30.87 3.98 2.14
CA GLN B 13 31.35 2.79 2.85
C GLN B 13 31.11 1.46 2.18
N THR B 14 30.03 1.31 1.39
CA THR B 14 29.71 0.00 0.85
C THR B 14 29.79 0.00 -0.65
N ALA B 15 30.30 1.08 -1.20
CA ALA B 15 30.30 1.22 -2.64
C ALA B 15 31.19 0.24 -3.29
N ALA B 16 32.34 -0.08 -2.69
CA ALA B 16 33.23 -1.04 -3.32
C ALA B 16 32.60 -2.38 -3.40
N LYS B 17 31.93 -2.79 -2.32
CA LYS B 17 31.23 -4.11 -2.35
C LYS B 17 30.13 -4.15 -3.38
N ALA B 18 29.36 -3.06 -3.47
CA ALA B 18 28.21 -3.07 -4.37
C ALA B 18 28.72 -3.13 -5.82
N ASN B 19 29.73 -2.32 -6.13
CA ASN B 19 30.37 -2.42 -7.46
C ASN B 19 31.03 -3.75 -7.77
N ALA B 20 31.63 -4.38 -6.76
CA ALA B 20 32.21 -5.71 -6.99
C ALA B 20 31.20 -6.75 -7.43
N VAL B 21 30.01 -6.78 -6.82
CA VAL B 21 29.01 -7.78 -7.27
C VAL B 21 28.26 -7.28 -8.46
N GLY B 22 28.30 -5.98 -8.73
CA GLY B 22 27.63 -5.45 -9.90
C GLY B 22 26.20 -5.03 -9.60
N TYR B 23 25.91 -4.58 -8.37
CA TYR B 23 24.55 -4.28 -7.94
C TYR B 23 24.52 -2.90 -7.32
N THR B 24 24.32 -1.86 -8.13
CA THR B 24 24.57 -0.50 -7.65
C THR B 24 23.35 0.37 -7.38
N HIS B 25 22.14 -0.16 -7.55
CA HIS B 25 20.96 0.58 -7.14
C HIS B 25 19.78 -0.38 -6.95
N ALA B 26 18.88 0.00 -6.06
CA ALA B 26 17.58 -0.62 -5.96
C ALA B 26 16.48 0.41 -6.30
N LEU B 27 15.47 -0.08 -6.99
CA LEU B 27 14.31 0.72 -7.23
C LEU B 27 13.04 0.05 -6.66
N THR B 28 12.30 0.80 -5.87
CA THR B 28 11.17 0.27 -5.18
C THR B 28 9.98 1.16 -5.48
N TRP B 29 8.86 0.51 -5.72
CA TRP B 29 7.61 1.21 -5.87
C TRP B 29 6.87 1.24 -4.55
N VAL B 30 6.33 2.39 -4.22
CA VAL B 30 5.49 2.49 -3.04
C VAL B 30 4.16 3.09 -3.49
N TRP B 31 3.07 2.47 -3.08
CA TRP B 31 1.75 2.92 -3.46
C TRP B 31 1.09 3.78 -2.41
N HIS B 32 0.39 4.81 -2.84
CA HIS B 32 -0.44 5.62 -1.96
C HIS B 32 -1.68 6.13 -2.71
N SER B 33 -2.62 6.72 -1.98
CA SER B 33 -3.85 7.18 -2.57
C SER B 33 -3.75 8.65 -2.98
N GLN B 34 -4.86 9.11 -3.55
CA GLN B 34 -5.02 10.47 -4.08
C GLN B 34 -4.84 11.54 -3.03
N THR B 35 -5.17 11.23 -1.80
CA THR B 35 -4.88 12.11 -0.68
C THR B 35 -3.46 12.70 -0.83
N TRP B 36 -2.53 11.89 -1.30
CA TRP B 36 -1.12 12.27 -1.22
C TRP B 36 -0.51 12.67 -2.54
N ASP B 37 -1.32 12.81 -3.60
CA ASP B 37 -0.83 13.41 -4.86
C ASP B 37 -0.73 14.90 -4.75
N VAL B 38 0.44 15.41 -4.45
CA VAL B 38 0.66 16.82 -4.12
C VAL B 38 2.10 17.10 -4.49
N ASP B 39 2.42 18.34 -4.84
CA ASP B 39 3.73 18.65 -5.42
C ASP B 39 4.88 18.39 -4.49
N SER B 40 4.59 18.45 -3.22
CA SER B 40 5.60 18.30 -2.22
C SER B 40 6.02 16.81 -2.03
N VAL B 41 5.18 15.90 -2.49
CA VAL B 41 5.51 14.48 -2.49
C VAL B 41 6.30 14.15 -3.75
N ARG B 42 7.62 14.10 -3.61
CA ARG B 42 8.53 13.77 -4.72
C ARG B 42 9.28 12.48 -4.47
N ASP B 43 9.67 11.86 -5.59
CA ASP B 43 10.39 10.56 -5.57
C ASP B 43 11.70 10.73 -4.81
N PRO B 44 11.91 9.95 -3.74
CA PRO B 44 13.15 10.01 -2.99
C PRO B 44 14.33 9.25 -3.58
N SER B 45 15.50 9.81 -3.35
CA SER B 45 16.77 9.22 -3.72
C SER B 45 17.60 9.04 -2.42
N LEU B 46 17.75 7.80 -1.95
CA LEU B 46 18.33 7.53 -0.62
C LEU B 46 19.69 6.83 -0.74
N ARG B 47 20.50 6.92 0.32
CA ARG B 47 21.77 6.18 0.45
C ARG B 47 21.63 5.19 1.58
N ALA B 48 22.00 3.94 1.34
CA ALA B 48 21.92 2.91 2.36
C ALA B 48 23.11 1.97 2.23
N ASP B 49 23.31 1.13 3.25
CA ASP B 49 24.47 0.20 3.26
C ASP B 49 24.17 -1.07 2.49
N PHE B 50 24.93 -1.29 1.42
CA PHE B 50 24.78 -2.49 0.64
C PHE B 50 25.36 -3.68 1.40
N ASN B 51 24.67 -4.82 1.40
CA ASN B 51 25.14 -6.05 2.04
C ASN B 51 24.40 -7.16 1.40
N PRO B 52 25.11 -7.97 0.62
CA PRO B 52 24.47 -9.04 -0.14
C PRO B 52 23.91 -10.16 0.77
N GLU B 53 24.14 -10.11 2.07
CA GLU B 53 23.55 -11.10 2.98
C GLU B 53 22.25 -10.62 3.63
N LYS B 54 21.83 -9.38 3.39
CA LYS B 54 20.74 -8.84 4.19
C LYS B 54 19.60 -8.39 3.32
N VAL B 55 18.47 -8.17 3.97
CA VAL B 55 17.27 -7.60 3.37
C VAL B 55 16.86 -6.51 4.37
N GLY B 56 16.64 -5.31 3.88
CA GLY B 56 16.19 -4.22 4.73
C GLY B 56 14.76 -3.80 4.37
N TRP B 57 14.23 -2.81 5.08
CA TRP B 57 12.89 -2.28 4.83
C TRP B 57 13.00 -0.84 4.51
N VAL B 58 12.29 -0.43 3.48
CA VAL B 58 12.09 0.98 3.26
C VAL B 58 10.71 1.37 3.77
N SER B 59 10.67 2.39 4.60
CA SER B 59 9.43 2.84 5.21
C SER B 59 9.17 4.25 4.75
N VAL B 60 7.92 4.49 4.37
CA VAL B 60 7.50 5.82 3.95
C VAL B 60 6.24 6.18 4.69
N SER B 61 6.29 7.29 5.36
CA SER B 61 5.14 7.74 6.11
C SER B 61 4.66 9.07 5.52
N PHE B 62 3.34 9.21 5.47
CA PHE B 62 2.69 10.43 5.05
C PHE B 62 1.87 10.95 6.24
N ALA B 63 1.93 12.24 6.52
CA ALA B 63 1.06 12.88 7.52
C ALA B 63 0.64 14.27 7.05
N CYS B 64 -0.66 14.57 7.13
CA CYS B 64 -1.11 15.91 6.78
C CYS B 64 -0.77 16.87 7.90
N THR B 65 -0.41 18.06 7.49
CA THR B 65 0.06 19.07 8.36
C THR B 65 -1.12 19.90 8.95
N GLN B 66 -2.32 19.78 8.36
CA GLN B 66 -3.52 20.46 8.82
C GLN B 66 -4.43 19.49 9.54
N CYS B 67 -4.92 18.50 8.79
CA CYS B 67 -5.82 17.53 9.34
C CYS B 67 -5.00 16.42 9.97
N THR B 68 -5.68 15.33 10.25
CA THR B 68 -5.07 14.24 10.96
C THR B 68 -4.83 13.04 10.01
N ALA B 69 -5.05 13.26 8.71
CA ALA B 69 -4.85 12.22 7.66
C ALA B 69 -3.40 11.76 7.67
N HIS B 70 -3.18 10.45 7.62
CA HIS B 70 -1.87 9.88 7.68
C HIS B 70 -1.87 8.51 7.00
N TYR B 71 -0.70 8.07 6.58
CA TYR B 71 -0.58 6.79 5.94
C TYR B 71 0.85 6.32 6.14
N TYR B 72 1.03 5.02 6.20
CA TYR B 72 2.30 4.44 6.44
C TYR B 72 2.37 3.22 5.56
N THR B 73 3.52 3.09 4.88
CA THR B 73 3.79 1.90 4.12
C THR B 73 5.28 1.53 4.14
N SER B 74 5.57 0.25 3.99
CA SER B 74 6.93 -0.23 4.05
C SER B 74 7.05 -1.45 3.14
N GLU B 75 8.21 -1.61 2.52
CA GLU B 75 8.49 -2.70 1.59
C GLU B 75 9.93 -3.24 1.80
N GLN B 76 10.14 -4.53 1.60
CA GLN B 76 11.49 -5.10 1.63
C GLN B 76 12.38 -4.69 0.45
N VAL B 77 13.65 -4.49 0.75
CA VAL B 77 14.66 -4.18 -0.26
C VAL B 77 15.82 -5.14 -0.05
N LYS B 78 15.97 -6.09 -0.98
CA LYS B 78 17.09 -7.04 -0.95
C LYS B 78 18.40 -6.27 -0.97
N TYR B 79 19.33 -6.69 -0.11
CA TYR B 79 20.73 -6.26 -0.14
C TYR B 79 21.06 -4.86 0.36
N PHE B 80 20.12 -4.14 0.93
CA PHE B 80 20.38 -2.85 1.50
C PHE B 80 19.85 -2.82 2.92
N THR B 81 20.61 -2.21 3.82
CA THR B 81 20.23 -2.14 5.25
C THR B 81 20.48 -0.77 5.73
N ASN B 82 19.91 -0.45 6.88
CA ASN B 82 19.96 0.88 7.45
C ASN B 82 19.45 1.90 6.45
N ILE B 83 18.34 1.56 5.79
CA ILE B 83 17.72 2.49 4.86
C ILE B 83 17.09 3.63 5.63
N PRO B 84 17.42 4.89 5.32
CA PRO B 84 16.76 5.94 6.10
C PRO B 84 15.21 5.96 5.93
N PRO B 85 14.47 6.32 6.98
CA PRO B 85 13.03 6.43 6.93
C PRO B 85 12.65 7.66 6.14
N VAL B 86 11.57 7.58 5.36
CA VAL B 86 11.08 8.75 4.56
C VAL B 86 9.80 9.32 5.19
N HIS B 87 9.76 10.62 5.38
CA HIS B 87 8.60 11.27 5.96
C HIS B 87 8.12 12.36 5.04
N PHE B 88 6.83 12.36 4.74
CA PHE B 88 6.21 13.45 4.00
C PHE B 88 5.23 14.09 4.94
N ASP B 89 5.62 15.26 5.44
CA ASP B 89 4.75 16.06 6.29
C ASP B 89 4.31 17.17 5.39
N VAL B 90 3.14 17.00 4.82
CA VAL B 90 2.65 17.89 3.79
C VAL B 90 1.16 18.28 3.99
N VAL B 91 0.73 19.31 3.26
CA VAL B 91 -0.69 19.59 3.17
C VAL B 91 -1.37 18.61 2.21
N CYS B 92 -2.26 17.77 2.78
CA CYS B 92 -2.94 16.72 1.98
C CYS B 92 -3.77 17.29 0.83
N ALA B 93 -4.27 16.40 -0.03
CA ALA B 93 -4.95 16.82 -1.26
C ALA B 93 -6.22 17.62 -0.93
N ASP B 94 -7.06 17.02 -0.08
CA ASP B 94 -8.26 17.66 0.45
C ASP B 94 -7.95 18.99 1.16
N CYS B 95 -7.14 18.99 2.22
CA CYS B 95 -6.75 20.25 2.90
C CYS B 95 -6.27 21.38 1.97
N GLU B 96 -5.93 21.02 0.76
CA GLU B 96 -5.63 21.98 -0.27
C GLU B 96 -6.86 22.07 -1.16
ZN ZN C . 3.06 -11.02 14.09
ZN ZN D . -5.19 17.30 5.45
ZN ZN E . -1.16 3.36 10.95
#